data_5VP9
#
_entry.id   5VP9
#
_cell.length_a   54.792
_cell.length_b   58.355
_cell.length_c   60.421
_cell.angle_alpha   90.00
_cell.angle_beta   90.00
_cell.angle_gamma   90.00
#
_symmetry.space_group_name_H-M   'P 21 21 21'
#
loop_
_entity.id
_entity.type
_entity.pdbx_description
1 polymer 'NS4A cofactor -- NS3 protein chimera'
2 non-polymer 'tert-butyl [(2R,6S,12Z,13aS,14aR,16aS)-14a-[(cyclopropylsulfonyl)carbamoyl]-5,16-dioxo-2-{[3-(thiophen-2-yl)quinoxalin-2-yl]oxy}-1,2,3,5,6,7,8,9,10,11,13a,14,14a,15,16,16a-hexadecahydrocyclopropa[e]pyrrolo[1,2-a][1,4]diazacyclopentadecin-6-yl]carbamate'
3 non-polymer 'SULFATE ION'
4 non-polymer 'ZINC ION'
5 water water
#
_entity_poly.entity_id   1
_entity_poly.type   'polypeptide(L)'
_entity_poly.pdbx_seq_one_letter_code
;GSHMASMKKKGSVVIVGRINLSGDTAYAQQTRGEEGCQETSQTGRDKNQVEGEVQIVSTATQTFLATSINGVLWTVYHGA
GTRTIASPKGPVTQMYTNVDKDLVGWQAPQGSRSLTPCTCGSSDLYLVTRHADVIPVRRRGDSRGSLLSPRPISYLKGSS
GGPLLCPAGHAVGIFRAAVSTRGVAKAVDFIPVESLETTMRSP
;
_entity_poly.pdbx_strand_id   A
#
# COMPACT_ATOMS: atom_id res chain seq x y z
N MET A 4 -30.88 -15.46 -6.19
CA MET A 4 -30.57 -14.12 -5.70
C MET A 4 -30.41 -14.10 -4.17
N ALA A 5 -31.27 -14.85 -3.48
CA ALA A 5 -31.28 -14.80 -2.02
C ALA A 5 -30.00 -15.34 -1.41
N SER A 6 -29.22 -16.12 -2.16
CA SER A 6 -27.99 -16.72 -1.65
C SER A 6 -26.74 -16.04 -2.19
N MET A 7 -26.89 -14.96 -2.95
CA MET A 7 -25.72 -14.25 -3.47
C MET A 7 -24.87 -13.73 -2.33
N LYS A 8 -23.57 -14.01 -2.41
CA LYS A 8 -22.63 -13.65 -1.35
C LYS A 8 -22.09 -12.24 -1.57
N LYS A 9 -21.51 -11.69 -0.50
CA LYS A 9 -20.98 -10.34 -0.49
C LYS A 9 -19.47 -10.43 -0.28
N LYS A 10 -18.71 -9.71 -1.10
CA LYS A 10 -17.27 -9.65 -0.87
C LYS A 10 -17.01 -8.90 0.43
N GLY A 11 -16.01 -9.37 1.17
CA GLY A 11 -15.67 -8.76 2.44
C GLY A 11 -14.93 -7.45 2.24
N SER A 12 -14.62 -6.81 3.36
CA SER A 12 -13.82 -5.61 3.38
C SER A 12 -12.33 -5.95 3.36
N VAL A 13 -11.53 -5.01 2.87
CA VAL A 13 -10.10 -5.01 3.16
C VAL A 13 -9.93 -4.74 4.65
N VAL A 14 -8.98 -5.44 5.27
CA VAL A 14 -8.72 -5.36 6.70
C VAL A 14 -7.26 -5.00 6.93
N ILE A 15 -7.02 -4.00 7.76
CA ILE A 15 -5.66 -3.70 8.22
C ILE A 15 -5.25 -4.78 9.21
N VAL A 16 -4.15 -5.46 8.92
CA VAL A 16 -3.68 -6.55 9.77
C VAL A 16 -2.33 -6.27 10.39
N GLY A 17 -1.71 -5.13 10.09
CA GLY A 17 -0.42 -4.81 10.65
C GLY A 17 0.09 -3.53 10.03
N ARG A 18 1.38 -3.29 10.25
CA ARG A 18 1.99 -2.07 9.72
C ARG A 18 3.48 -2.29 9.53
N ILE A 19 4.06 -1.46 8.68
CA ILE A 19 5.52 -1.36 8.57
C ILE A 19 5.93 -0.18 9.43
N ASN A 20 6.63 -0.46 10.52
CA ASN A 20 7.00 0.57 11.47
C ASN A 20 8.24 1.29 10.96
N LEU A 21 8.10 2.59 10.74
CA LEU A 21 9.19 3.44 10.24
C LEU A 21 9.49 4.58 11.21
N SER A 22 8.99 4.51 12.44
CA SER A 22 9.07 5.64 13.35
C SER A 22 10.47 5.82 13.95
N GLY A 23 11.23 4.74 14.08
CA GLY A 23 12.53 4.83 14.73
C GLY A 23 13.70 4.67 13.79
N ASP A 24 14.82 4.13 14.29
CA ASP A 24 15.99 3.88 13.47
C ASP A 24 15.92 2.54 12.73
N THR A 25 14.96 1.69 13.07
CA THR A 25 14.86 0.35 12.51
C THR A 25 13.48 0.16 11.92
N ALA A 26 13.42 -0.25 10.65
CA ALA A 26 12.15 -0.56 10.01
C ALA A 26 11.80 -2.01 10.30
N TYR A 27 10.55 -2.26 10.70
CA TYR A 27 10.17 -3.62 10.98
C TYR A 27 8.66 -3.76 10.86
N ALA A 28 8.26 -4.96 10.47
CA ALA A 28 6.85 -5.28 10.32
C ALA A 28 6.26 -5.67 11.66
N GLN A 29 5.03 -5.24 11.90
CA GLN A 29 4.26 -5.59 13.08
C GLN A 29 2.91 -6.11 12.63
N GLN A 30 2.48 -7.24 13.19
CA GLN A 30 1.13 -7.70 12.99
C GLN A 30 0.25 -7.24 14.15
N THR A 31 -0.94 -6.73 13.80
CA THR A 31 -1.89 -6.26 14.79
C THR A 31 -3.17 -7.09 14.82
N ARG A 32 -3.37 -7.98 13.86
CA ARG A 32 -4.54 -8.84 13.85
C ARG A 32 -4.18 -10.18 13.23
N GLY A 33 -4.59 -11.27 13.91
CA GLY A 33 -4.40 -12.60 13.40
C GLY A 33 -5.50 -13.02 12.45
N GLU A 34 -5.32 -14.22 11.88
CA GLU A 34 -6.10 -14.62 10.72
C GLU A 34 -7.58 -14.75 11.04
N GLU A 35 -7.93 -15.33 12.20
CA GLU A 35 -9.34 -15.49 12.53
C GLU A 35 -10.01 -14.13 12.72
N GLY A 36 -9.38 -13.24 13.47
CA GLY A 36 -9.92 -11.90 13.62
C GLY A 36 -10.02 -11.19 12.28
N CYS A 37 -9.05 -11.41 11.39
CA CYS A 37 -9.09 -10.79 10.08
C CYS A 37 -10.31 -11.27 9.29
N GLN A 38 -10.54 -12.59 9.26
CA GLN A 38 -11.68 -13.11 8.53
C GLN A 38 -12.99 -12.56 9.07
N GLU A 39 -13.12 -12.51 10.40
CA GLU A 39 -14.35 -11.97 11.00
C GLU A 39 -14.50 -10.48 10.70
N THR A 40 -13.41 -9.72 10.81
CA THR A 40 -13.46 -8.29 10.53
C THR A 40 -13.77 -8.02 9.07
N SER A 41 -13.31 -8.87 8.17
CA SER A 41 -13.61 -8.71 6.75
C SER A 41 -15.10 -8.86 6.48
N GLN A 42 -15.75 -9.80 7.19
CA GLN A 42 -17.18 -10.02 6.99
C GLN A 42 -18.02 -8.89 7.57
N THR A 43 -17.70 -8.45 8.79
CA THR A 43 -18.48 -7.39 9.41
C THR A 43 -18.12 -6.00 8.90
N GLY A 44 -16.88 -5.80 8.46
CA GLY A 44 -16.41 -4.47 8.15
C GLY A 44 -16.19 -3.59 9.36
N ARG A 45 -16.26 -4.14 10.57
CA ARG A 45 -16.11 -3.38 11.80
C ARG A 45 -14.74 -3.69 12.41
N ASP A 46 -13.87 -2.69 12.43
CA ASP A 46 -12.51 -2.84 12.92
C ASP A 46 -12.26 -1.77 13.98
N LYS A 47 -12.24 -2.18 15.24
CA LYS A 47 -12.01 -1.28 16.35
C LYS A 47 -10.54 -1.18 16.75
N ASN A 48 -9.64 -1.86 16.05
CA ASN A 48 -8.24 -1.81 16.41
C ASN A 48 -7.67 -0.43 16.16
N GLN A 49 -6.73 -0.04 17.02
CA GLN A 49 -6.05 1.23 16.86
C GLN A 49 -5.10 1.17 15.66
N VAL A 50 -5.12 2.21 14.84
CA VAL A 50 -4.26 2.30 13.67
C VAL A 50 -3.14 3.30 13.96
N GLU A 51 -1.93 2.96 13.51
CA GLU A 51 -0.79 3.85 13.66
C GLU A 51 0.05 3.79 12.38
N GLY A 52 0.77 4.88 12.11
CA GLY A 52 1.80 4.87 11.08
C GLY A 52 1.28 5.16 9.68
N GLU A 53 2.22 5.14 8.74
CA GLU A 53 2.00 5.53 7.36
C GLU A 53 1.74 4.36 6.43
N VAL A 54 2.36 3.20 6.69
CA VAL A 54 2.27 2.04 5.81
C VAL A 54 1.58 0.93 6.56
N GLN A 55 0.40 0.53 6.07
CA GLN A 55 -0.40 -0.52 6.66
C GLN A 55 -0.20 -1.81 5.86
N ILE A 56 -0.21 -2.93 6.56
CA ILE A 56 -0.35 -4.23 5.92
C ILE A 56 -1.83 -4.57 5.90
N VAL A 57 -2.36 -4.91 4.71
CA VAL A 57 -3.79 -5.13 4.53
C VAL A 57 -4.03 -6.49 3.91
N SER A 58 -5.23 -7.02 4.18
CA SER A 58 -5.57 -8.35 3.70
C SER A 58 -7.03 -8.41 3.27
N THR A 59 -7.28 -9.24 2.27
CA THR A 59 -8.60 -9.75 1.97
C THR A 59 -8.63 -11.22 2.36
N ALA A 60 -9.72 -11.90 2.02
CA ALA A 60 -9.79 -13.33 2.27
C ALA A 60 -8.72 -14.10 1.50
N THR A 61 -8.26 -13.55 0.37
CA THR A 61 -7.42 -14.28 -0.56
C THR A 61 -6.05 -13.64 -0.83
N GLN A 62 -5.82 -12.39 -0.42
CA GLN A 62 -4.57 -11.71 -0.73
C GLN A 62 -4.13 -10.87 0.45
N THR A 63 -2.82 -10.63 0.53
CA THR A 63 -2.28 -9.66 1.46
C THR A 63 -1.30 -8.77 0.73
N PHE A 64 -1.31 -7.49 1.06
CA PHE A 64 -0.50 -6.48 0.39
C PHE A 64 -0.40 -5.26 1.30
N LEU A 65 0.02 -4.13 0.77
CA LEU A 65 0.26 -2.93 1.57
C LEU A 65 -0.65 -1.80 1.14
N ALA A 66 -0.73 -0.80 2.02
CA ALA A 66 -1.48 0.43 1.75
C ALA A 66 -0.78 1.57 2.46
N THR A 67 -0.72 2.73 1.81
CA THR A 67 0.11 3.86 2.23
C THR A 67 -0.71 5.13 2.31
N SER A 68 -0.58 5.85 3.43
N SER A 68 -0.57 5.86 3.42
CA SER A 68 -1.32 7.11 3.63
CA SER A 68 -1.32 7.10 3.62
C SER A 68 -0.51 8.27 3.08
C SER A 68 -0.51 8.29 3.09
N ILE A 69 -1.11 9.02 2.15
CA ILE A 69 -0.51 10.22 1.59
C ILE A 69 -1.62 11.27 1.49
N ASN A 70 -1.38 12.46 2.05
CA ASN A 70 -2.34 13.57 2.01
C ASN A 70 -3.71 13.15 2.56
N GLY A 71 -3.71 12.37 3.63
CA GLY A 71 -4.97 12.00 4.27
C GLY A 71 -5.79 10.96 3.55
N VAL A 72 -5.21 10.28 2.56
CA VAL A 72 -5.85 9.17 1.85
C VAL A 72 -4.98 7.94 2.03
N LEU A 73 -5.62 6.81 2.33
CA LEU A 73 -4.95 5.51 2.36
C LEU A 73 -5.06 4.90 0.95
N TRP A 74 -3.93 4.78 0.27
CA TRP A 74 -3.88 4.35 -1.12
C TRP A 74 -3.41 2.91 -1.23
N THR A 75 -3.96 2.16 -2.18
CA THR A 75 -3.41 0.87 -2.53
C THR A 75 -3.74 0.55 -3.99
N VAL A 76 -3.48 -0.70 -4.39
CA VAL A 76 -3.63 -1.13 -5.78
C VAL A 76 -5.00 -1.74 -6.01
N TYR A 77 -5.58 -1.46 -7.18
CA TYR A 77 -6.85 -2.08 -7.56
C TYR A 77 -6.71 -3.59 -7.70
N HIS A 78 -5.56 -4.08 -8.16
CA HIS A 78 -5.46 -5.52 -8.36
C HIS A 78 -5.45 -6.29 -7.04
N GLY A 79 -5.23 -5.60 -5.93
CA GLY A 79 -5.37 -6.21 -4.62
C GLY A 79 -6.74 -5.97 -4.01
N ALA A 80 -7.19 -4.72 -4.02
CA ALA A 80 -8.41 -4.33 -3.31
C ALA A 80 -9.68 -4.43 -4.14
N GLY A 81 -9.57 -4.42 -5.46
CA GLY A 81 -10.77 -4.29 -6.27
C GLY A 81 -11.53 -3.06 -5.83
N THR A 82 -12.86 -3.18 -5.81
CA THR A 82 -13.75 -2.12 -5.38
C THR A 82 -14.16 -2.25 -3.91
N ARG A 83 -13.43 -3.03 -3.13
CA ARG A 83 -13.86 -3.35 -1.78
C ARG A 83 -13.87 -2.14 -0.85
N THR A 84 -14.79 -2.17 0.11
CA THR A 84 -14.73 -1.31 1.27
C THR A 84 -13.56 -1.71 2.15
N ILE A 85 -13.19 -0.83 3.07
CA ILE A 85 -12.20 -1.12 4.10
C ILE A 85 -12.90 -1.15 5.45
N ALA A 86 -12.48 -2.07 6.32
CA ALA A 86 -13.07 -2.15 7.66
C ALA A 86 -12.64 -0.95 8.49
N SER A 87 -13.56 -0.43 9.29
CA SER A 87 -13.28 0.74 10.12
C SER A 87 -14.10 0.62 11.40
N PRO A 88 -13.83 1.48 12.38
CA PRO A 88 -14.51 1.32 13.69
C PRO A 88 -16.02 1.42 13.60
N LYS A 89 -16.53 2.13 12.61
CA LYS A 89 -17.96 2.39 12.49
C LYS A 89 -18.61 1.59 11.37
N GLY A 90 -17.90 0.62 10.81
CA GLY A 90 -18.42 -0.18 9.73
C GLY A 90 -17.64 0.06 8.44
N PRO A 91 -18.01 -0.65 7.38
CA PRO A 91 -17.23 -0.55 6.14
C PRO A 91 -17.27 0.87 5.55
N VAL A 92 -16.14 1.26 4.97
CA VAL A 92 -15.96 2.57 4.37
C VAL A 92 -15.74 2.39 2.88
N THR A 93 -16.55 3.08 2.07
CA THR A 93 -16.47 3.00 0.62
C THR A 93 -15.24 3.73 0.10
N GLN A 94 -14.64 3.20 -0.95
CA GLN A 94 -13.54 3.89 -1.60
C GLN A 94 -13.96 5.30 -1.99
N MET A 95 -13.03 6.22 -1.79
CA MET A 95 -13.17 7.60 -2.20
C MET A 95 -12.55 7.84 -3.57
N TYR A 96 -11.64 6.95 -3.99
CA TYR A 96 -11.04 6.96 -5.32
C TYR A 96 -10.94 5.54 -5.83
N THR A 97 -11.25 5.36 -7.11
CA THR A 97 -11.13 4.07 -7.80
C THR A 97 -10.67 4.35 -9.21
N ASN A 98 -9.52 3.81 -9.63
CA ASN A 98 -9.05 4.01 -11.00
C ASN A 98 -8.35 2.74 -11.49
N VAL A 99 -9.12 1.89 -12.18
CA VAL A 99 -8.60 0.64 -12.68
C VAL A 99 -7.50 0.89 -13.70
N ASP A 100 -7.59 1.99 -14.44
CA ASP A 100 -6.59 2.28 -15.47
C ASP A 100 -5.23 2.60 -14.85
N LYS A 101 -5.22 3.17 -13.66
CA LYS A 101 -3.98 3.41 -12.92
C LYS A 101 -3.66 2.31 -11.93
N ASP A 102 -4.54 1.32 -11.76
CA ASP A 102 -4.39 0.27 -10.76
C ASP A 102 -4.36 0.87 -9.36
N LEU A 103 -5.24 1.84 -9.11
CA LEU A 103 -5.19 2.68 -7.91
C LEU A 103 -6.55 2.75 -7.25
N VAL A 104 -6.57 2.64 -5.92
CA VAL A 104 -7.75 2.94 -5.14
C VAL A 104 -7.32 3.70 -3.89
N GLY A 105 -8.29 4.37 -3.27
CA GLY A 105 -8.04 5.06 -2.03
C GLY A 105 -9.27 5.17 -1.16
N TRP A 106 -9.05 5.12 0.14
CA TRP A 106 -10.05 5.41 1.15
C TRP A 106 -9.55 6.55 2.03
N GLN A 107 -10.48 7.26 2.65
CA GLN A 107 -10.11 8.22 3.67
C GLN A 107 -9.18 7.56 4.68
N ALA A 108 -8.11 8.27 5.05
CA ALA A 108 -7.11 7.67 5.94
C ALA A 108 -7.71 7.39 7.31
N PRO A 109 -7.42 6.21 7.91
CA PRO A 109 -8.01 5.90 9.21
C PRO A 109 -7.54 6.86 10.30
N GLN A 110 -8.42 7.12 11.26
CA GLN A 110 -8.02 7.85 12.45
C GLN A 110 -6.85 7.15 13.12
N GLY A 111 -5.82 7.91 13.44
CA GLY A 111 -4.62 7.39 14.06
C GLY A 111 -3.46 7.21 13.10
N SER A 112 -3.75 6.99 11.82
CA SER A 112 -2.70 6.93 10.81
C SER A 112 -1.98 8.27 10.72
N ARG A 113 -0.79 8.23 10.14
CA ARG A 113 -0.04 9.41 9.77
C ARG A 113 0.18 9.37 8.26
N SER A 114 0.20 10.54 7.63
CA SER A 114 0.31 10.63 6.18
C SER A 114 1.70 11.08 5.77
N LEU A 115 2.20 10.50 4.68
CA LEU A 115 3.41 10.99 4.05
C LEU A 115 3.10 12.24 3.24
N THR A 116 4.11 13.09 3.08
CA THR A 116 3.98 14.30 2.27
C THR A 116 4.44 14.03 0.85
N PRO A 117 3.69 14.42 -0.17
CA PRO A 117 4.15 14.23 -1.55
C PRO A 117 5.48 14.94 -1.78
N CYS A 118 6.37 14.24 -2.48
CA CYS A 118 7.71 14.76 -2.72
C CYS A 118 7.68 15.89 -3.75
N THR A 119 8.41 16.97 -3.44
CA THR A 119 8.63 18.06 -4.38
C THR A 119 10.12 18.30 -4.63
N CYS A 120 10.96 17.31 -4.33
CA CYS A 120 12.41 17.44 -4.40
C CYS A 120 12.96 17.29 -5.81
N GLY A 121 12.24 16.61 -6.70
CA GLY A 121 12.77 16.33 -8.02
C GLY A 121 13.94 15.38 -8.04
N SER A 122 14.10 14.58 -6.99
CA SER A 122 15.24 13.68 -6.79
C SER A 122 14.95 12.30 -7.35
N SER A 123 15.99 11.65 -7.89
CA SER A 123 15.89 10.32 -8.49
C SER A 123 16.51 9.21 -7.64
N ASP A 124 16.99 9.50 -6.45
CA ASP A 124 17.50 8.46 -5.56
C ASP A 124 16.39 8.12 -4.57
N LEU A 125 15.77 6.95 -4.77
CA LEU A 125 14.56 6.56 -4.05
C LEU A 125 14.80 5.32 -3.21
N TYR A 126 13.79 4.98 -2.41
CA TYR A 126 13.82 3.85 -1.50
C TYR A 126 12.45 3.19 -1.47
N LEU A 127 12.41 1.89 -1.74
CA LEU A 127 11.17 1.12 -1.71
C LEU A 127 11.06 0.37 -0.40
N VAL A 128 9.88 0.45 0.23
CA VAL A 128 9.62 -0.22 1.50
C VAL A 128 8.74 -1.43 1.23
N THR A 129 9.23 -2.62 1.57
CA THR A 129 8.50 -3.86 1.32
C THR A 129 7.67 -4.28 2.52
N ARG A 130 6.83 -5.29 2.30
CA ARG A 130 5.98 -5.82 3.35
C ARG A 130 6.77 -6.51 4.42
N HIS A 131 8.03 -6.85 4.14
CA HIS A 131 8.93 -7.42 5.13
C HIS A 131 9.81 -6.36 5.77
N ALA A 132 9.50 -5.09 5.54
CA ALA A 132 10.20 -3.95 6.10
C ALA A 132 11.64 -3.84 5.61
N ASP A 133 11.93 -4.40 4.44
CA ASP A 133 13.17 -4.07 3.75
C ASP A 133 13.06 -2.71 3.11
N VAL A 134 14.11 -1.91 3.22
CA VAL A 134 14.21 -0.63 2.54
C VAL A 134 15.22 -0.79 1.41
N ILE A 135 14.73 -0.82 0.17
CA ILE A 135 15.51 -1.18 -1.01
C ILE A 135 15.86 0.09 -1.77
N PRO A 136 17.13 0.39 -2.02
CA PRO A 136 17.45 1.55 -2.87
C PRO A 136 17.00 1.32 -4.30
N VAL A 137 16.38 2.35 -4.86
CA VAL A 137 15.83 2.34 -6.22
C VAL A 137 16.26 3.63 -6.91
N ARG A 138 16.85 3.51 -8.10
CA ARG A 138 17.17 4.68 -8.91
C ARG A 138 16.01 4.94 -9.85
N ARG A 139 15.45 6.15 -9.79
CA ARG A 139 14.34 6.47 -10.66
C ARG A 139 14.82 6.52 -12.09
N ARG A 140 14.06 5.89 -13.00
CA ARG A 140 14.44 5.76 -14.40
C ARG A 140 13.42 6.36 -15.35
N GLY A 141 12.27 6.78 -14.85
CA GLY A 141 11.26 7.42 -15.66
C GLY A 141 10.15 7.92 -14.77
N ASP A 142 9.04 8.33 -15.39
CA ASP A 142 7.94 8.84 -14.59
C ASP A 142 7.39 7.77 -13.66
N SER A 143 7.39 6.51 -14.10
CA SER A 143 6.76 5.44 -13.33
C SER A 143 7.63 4.19 -13.18
N ARG A 144 8.94 4.32 -13.39
CA ARG A 144 9.86 3.18 -13.34
C ARG A 144 11.08 3.51 -12.51
N GLY A 145 11.59 2.51 -11.82
CA GLY A 145 12.84 2.64 -11.08
C GLY A 145 13.57 1.31 -11.10
N SER A 146 14.90 1.37 -11.07
CA SER A 146 15.72 0.17 -11.13
C SER A 146 16.21 -0.21 -9.73
N LEU A 147 16.21 -1.50 -9.45
CA LEU A 147 16.79 -1.99 -8.21
C LEU A 147 18.30 -1.94 -8.32
N LEU A 148 18.96 -1.38 -7.31
CA LEU A 148 20.42 -1.40 -7.33
C LEU A 148 20.95 -2.82 -7.20
N SER A 149 20.22 -3.67 -6.49
CA SER A 149 20.54 -5.09 -6.39
C SER A 149 19.30 -5.87 -6.80
N PRO A 150 19.30 -6.57 -7.93
CA PRO A 150 18.11 -7.33 -8.33
C PRO A 150 17.72 -8.39 -7.29
N ARG A 151 16.45 -8.76 -7.32
CA ARG A 151 15.86 -9.68 -6.36
C ARG A 151 14.90 -10.61 -7.09
N PRO A 152 14.79 -11.87 -6.64
CA PRO A 152 13.72 -12.72 -7.18
C PRO A 152 12.38 -12.08 -6.88
N ILE A 153 11.42 -12.30 -7.77
CA ILE A 153 10.13 -11.63 -7.62
C ILE A 153 9.42 -12.06 -6.35
N SER A 154 9.77 -13.25 -5.82
CA SER A 154 9.27 -13.68 -4.52
C SER A 154 9.45 -12.60 -3.47
N TYR A 155 10.60 -11.92 -3.52
CA TYR A 155 10.98 -10.92 -2.52
C TYR A 155 10.02 -9.75 -2.49
N LEU A 156 9.39 -9.46 -3.62
CA LEU A 156 8.53 -8.29 -3.75
C LEU A 156 7.05 -8.63 -3.71
N LYS A 157 6.70 -9.90 -3.88
CA LYS A 157 5.29 -10.29 -3.88
C LYS A 157 4.65 -9.87 -2.57
N GLY A 158 3.50 -9.23 -2.67
CA GLY A 158 2.80 -8.77 -1.49
C GLY A 158 3.16 -7.37 -1.05
N SER A 159 4.00 -6.66 -1.79
CA SER A 159 4.41 -5.30 -1.44
C SER A 159 3.72 -4.23 -2.26
N SER A 160 2.91 -4.60 -3.26
CA SER A 160 2.15 -3.58 -3.98
C SER A 160 1.34 -2.77 -2.98
N GLY A 161 1.21 -1.47 -3.26
CA GLY A 161 0.62 -0.54 -2.32
C GLY A 161 1.62 0.13 -1.40
N GLY A 162 2.84 -0.38 -1.31
CA GLY A 162 3.84 0.24 -0.49
C GLY A 162 4.45 1.45 -1.16
N PRO A 163 5.20 2.22 -0.38
CA PRO A 163 5.74 3.49 -0.89
C PRO A 163 7.13 3.37 -1.49
N LEU A 164 7.37 4.23 -2.48
CA LEU A 164 8.70 4.68 -2.84
C LEU A 164 8.90 6.06 -2.24
N LEU A 165 10.03 6.24 -1.55
CA LEU A 165 10.33 7.45 -0.79
C LEU A 165 11.59 8.12 -1.33
N CYS A 166 11.66 9.44 -1.16
CA CYS A 166 12.87 10.19 -1.46
C CYS A 166 13.79 10.16 -0.27
N PRO A 167 15.01 10.71 -0.39
CA PRO A 167 15.93 10.69 0.76
C PRO A 167 15.36 11.37 2.00
N ALA A 168 14.49 12.36 1.83
CA ALA A 168 13.92 13.07 2.96
C ALA A 168 12.65 12.43 3.50
N GLY A 169 12.26 11.28 2.97
CA GLY A 169 11.08 10.60 3.46
C GLY A 169 9.76 11.05 2.87
N HIS A 170 9.78 11.84 1.79
CA HIS A 170 8.54 12.18 1.10
C HIS A 170 8.09 11.00 0.24
N ALA A 171 6.78 10.92 -0.01
CA ALA A 171 6.23 9.90 -0.90
C ALA A 171 6.47 10.31 -2.35
N VAL A 172 7.08 9.41 -3.12
CA VAL A 172 7.34 9.65 -4.54
C VAL A 172 6.38 8.81 -5.36
N GLY A 173 5.94 7.67 -4.82
CA GLY A 173 5.02 6.83 -5.55
C GLY A 173 4.56 5.64 -4.74
N ILE A 174 3.65 4.87 -5.37
CA ILE A 174 3.05 3.65 -4.82
C ILE A 174 3.49 2.48 -5.69
N PHE A 175 4.16 1.51 -5.09
CA PHE A 175 4.63 0.32 -5.79
C PHE A 175 3.47 -0.46 -6.42
N ARG A 176 3.58 -0.76 -7.71
CA ARG A 176 2.48 -1.37 -8.46
C ARG A 176 2.82 -2.72 -9.07
N ALA A 177 3.99 -2.85 -9.70
CA ALA A 177 4.31 -4.08 -10.41
C ALA A 177 5.82 -4.26 -10.45
N ALA A 178 6.26 -5.52 -10.48
CA ALA A 178 7.67 -5.83 -10.65
C ALA A 178 7.98 -6.06 -12.12
N VAL A 179 9.13 -5.59 -12.55
CA VAL A 179 9.61 -5.80 -13.91
C VAL A 179 10.63 -6.91 -13.81
N SER A 180 10.29 -8.09 -14.33
CA SER A 180 11.12 -9.26 -14.10
C SER A 180 11.44 -9.97 -15.41
N THR A 181 12.60 -10.59 -15.44
CA THR A 181 12.99 -11.48 -16.53
C THR A 181 13.49 -12.77 -15.90
N ARG A 182 12.88 -13.88 -16.30
CA ARG A 182 13.23 -15.20 -15.76
C ARG A 182 13.09 -15.22 -14.24
N GLY A 183 12.05 -14.52 -13.74
CA GLY A 183 11.75 -14.51 -12.32
C GLY A 183 12.56 -13.57 -11.48
N VAL A 184 13.46 -12.79 -12.09
CA VAL A 184 14.33 -11.87 -11.36
C VAL A 184 13.84 -10.45 -11.59
N ALA A 185 13.60 -9.72 -10.50
CA ALA A 185 13.14 -8.34 -10.57
C ALA A 185 14.36 -7.43 -10.68
N LYS A 186 14.49 -6.75 -11.82
CA LYS A 186 15.54 -5.74 -11.97
C LYS A 186 15.01 -4.32 -11.87
N ALA A 187 13.69 -4.14 -11.93
CA ALA A 187 13.11 -2.80 -11.88
C ALA A 187 11.72 -2.91 -11.26
N VAL A 188 11.14 -1.76 -10.93
CA VAL A 188 9.78 -1.70 -10.40
C VAL A 188 9.01 -0.63 -11.14
N ASP A 189 7.72 -0.88 -11.30
CA ASP A 189 6.77 0.08 -11.83
C ASP A 189 5.94 0.63 -10.66
N PHE A 190 5.71 1.93 -10.65
CA PHE A 190 4.98 2.54 -9.56
C PHE A 190 4.05 3.62 -10.07
N ILE A 191 3.06 3.94 -9.23
CA ILE A 191 2.13 5.03 -9.50
C ILE A 191 2.76 6.31 -8.94
N PRO A 192 3.12 7.28 -9.78
CA PRO A 192 3.75 8.50 -9.27
C PRO A 192 2.81 9.28 -8.38
N VAL A 193 3.38 9.94 -7.36
CA VAL A 193 2.54 10.70 -6.45
C VAL A 193 1.77 11.80 -7.17
N GLU A 194 2.34 12.33 -8.26
CA GLU A 194 1.61 13.35 -9.02
C GLU A 194 0.34 12.79 -9.63
N SER A 195 0.36 11.51 -10.00
CA SER A 195 -0.85 10.86 -10.49
C SER A 195 -1.89 10.77 -9.38
N LEU A 196 -1.45 10.47 -8.15
CA LEU A 196 -2.34 10.52 -6.99
C LEU A 196 -2.90 11.93 -6.82
N GLU A 197 -2.03 12.94 -6.89
CA GLU A 197 -2.47 14.31 -6.65
C GLU A 197 -3.45 14.77 -7.72
N THR A 198 -3.31 14.27 -8.95
CA THR A 198 -4.29 14.56 -9.99
C THR A 198 -5.61 13.85 -9.71
N THR A 199 -5.54 12.55 -9.40
CA THR A 199 -6.74 11.81 -9.01
C THR A 199 -7.51 12.54 -7.92
N MET A 200 -6.79 13.18 -6.99
CA MET A 200 -7.45 13.93 -5.93
C MET A 200 -8.15 15.21 -6.44
N ARG A 201 -8.18 15.41 -7.77
CA ARG A 201 -8.69 16.63 -8.41
C ARG A 201 -8.81 17.82 -7.46
#